data_1AV6
#
_entry.id   1AV6
#
_cell.length_a   61.800
_cell.length_b   64.600
_cell.length_c   99.500
_cell.angle_alpha   90.00
_cell.angle_beta   90.00
_cell.angle_gamma   90.00
#
_symmetry.space_group_name_H-M   'P 21 21 21'
#
loop_
_entity.id
_entity.type
_entity.pdbx_description
1 polymer "RNA (5'-R(*GP*AP*AP*AP*AP*A)-3')"
2 polymer "Cap-specific mRNA (nucleoside-2'-O-)-methyltransferase"
3 non-polymer "7N-METHYL-8-HYDROGUANOSINE-5'-TRIPHOSPHATE"
4 non-polymer S-ADENOSYL-L-HOMOCYSTEINE
#
loop_
_entity_poly.entity_id
_entity_poly.type
_entity_poly.pdbx_seq_one_letter_code
_entity_poly.pdbx_strand_id
1 'polyribonucleotide' GAAAAA B
2 'polypeptide(L)'
;VVSLDKPFMYFEEIDNELDYEPESANEVAKKLPYQGQLKLLLGELFFLSKLQRHGILDGATVVYIGSAPGTHIRYLRDHF
YNLGVIIKWMLIDGRHHDPILNGLRDVTLVTRFVDEEYLRSIKKQLHPSKIILISDVRSKRGGNEPSTADLLSNYALQNV
MISILNPVASSLKWRCPFPDQWIKDFYIPHGNKMLQPFAPSYSAEMRLLSIYTGENMRLTRVTKSDAVNYEKKMYYLNKI
VRNKVVVNFDYPNQEYDYFHMYFMLRTVYCNKTFPTTKAKVLFLQQSIFRFLNIP
;
A
#
# COMPACT_ATOMS: atom_id res chain seq x y z
N VAL B 1 11.96 2.09 25.25
CA VAL B 1 12.94 1.97 24.15
C VAL B 1 13.11 0.48 23.84
N VAL B 2 13.86 0.17 22.79
CA VAL B 2 14.11 -1.21 22.40
C VAL B 2 15.23 -1.28 21.35
N SER B 3 15.83 -2.47 21.22
CA SER B 3 16.86 -2.72 20.24
C SER B 3 16.30 -3.75 19.28
N LEU B 4 16.30 -3.42 18.00
CA LEU B 4 15.78 -4.35 17.00
C LEU B 4 16.77 -4.46 15.89
N ASP B 5 16.82 -5.65 15.29
CA ASP B 5 17.72 -5.95 14.19
C ASP B 5 17.11 -5.37 12.92
N LYS B 6 15.81 -5.60 12.77
CA LYS B 6 15.07 -5.17 11.61
C LYS B 6 13.59 -5.11 11.96
N PRO B 7 12.83 -4.17 11.37
CA PRO B 7 11.40 -4.10 11.69
C PRO B 7 10.61 -5.24 11.01
N PHE B 8 9.41 -5.48 11.50
CA PHE B 8 8.52 -6.49 10.94
C PHE B 8 8.04 -5.98 9.57
N MET B 9 8.59 -6.57 8.51
CA MET B 9 8.21 -6.19 7.15
C MET B 9 6.90 -6.83 6.67
N TYR B 10 6.79 -8.15 6.83
CA TYR B 10 5.58 -8.87 6.43
C TYR B 10 4.88 -9.46 7.67
N PHE B 11 3.56 -9.29 7.70
CA PHE B 11 2.68 -9.75 8.77
C PHE B 11 3.07 -11.07 9.44
N GLU B 12 3.36 -12.07 8.62
CA GLU B 12 3.73 -13.40 9.09
C GLU B 12 4.82 -13.37 10.13
N GLU B 13 5.64 -12.32 10.13
CA GLU B 13 6.75 -12.16 11.05
C GLU B 13 6.44 -11.56 12.44
N ILE B 14 5.21 -11.10 12.66
CA ILE B 14 4.85 -10.54 13.96
C ILE B 14 4.89 -11.66 15.00
N ASP B 15 5.93 -11.65 15.83
CA ASP B 15 6.15 -12.69 16.85
C ASP B 15 5.23 -12.82 18.06
N ASN B 16 4.46 -11.77 18.37
CA ASN B 16 3.58 -11.83 19.53
C ASN B 16 2.16 -11.38 19.20
N GLU B 17 1.24 -11.60 20.13
CA GLU B 17 -0.17 -11.23 19.95
C GLU B 17 -0.72 -10.62 21.24
N LEU B 18 -1.74 -9.78 21.12
CA LEU B 18 -2.33 -9.13 22.28
C LEU B 18 -3.82 -8.98 22.03
N ASP B 19 -4.65 -9.42 22.97
CA ASP B 19 -6.08 -9.32 22.78
C ASP B 19 -6.47 -7.84 22.68
N TYR B 20 -7.21 -7.50 21.63
CA TYR B 20 -7.65 -6.14 21.39
C TYR B 20 -8.33 -5.47 22.59
N GLU B 21 -7.91 -4.24 22.89
CA GLU B 21 -8.52 -3.48 23.95
C GLU B 21 -9.33 -2.43 23.19
N PRO B 22 -10.67 -2.48 23.31
CA PRO B 22 -11.51 -1.51 22.61
C PRO B 22 -11.27 -0.04 22.94
N GLU B 23 -10.71 0.24 24.11
CA GLU B 23 -10.42 1.61 24.53
C GLU B 23 -9.43 2.28 23.57
N SER B 24 -8.67 1.44 22.87
CA SER B 24 -7.65 1.88 21.89
C SER B 24 -8.20 2.91 20.90
N ALA B 25 -9.39 2.64 20.39
CA ALA B 25 -10.02 3.53 19.42
C ALA B 25 -10.21 4.96 19.93
N ASN B 26 -10.08 5.16 21.24
CA ASN B 26 -10.23 6.47 21.83
C ASN B 26 -8.92 7.28 21.78
N GLU B 27 -7.84 6.63 21.34
CA GLU B 27 -6.54 7.28 21.25
C GLU B 27 -6.45 8.01 19.91
N VAL B 28 -5.56 9.00 19.84
CA VAL B 28 -5.32 9.75 18.60
C VAL B 28 -4.65 8.77 17.65
N ALA B 29 -5.08 8.79 16.39
CA ALA B 29 -4.56 7.87 15.39
C ALA B 29 -3.67 8.49 14.33
N LYS B 30 -3.72 9.82 14.23
CA LYS B 30 -2.94 10.53 13.24
C LYS B 30 -2.08 11.56 13.98
N LYS B 31 -0.76 11.37 13.95
CA LYS B 31 0.17 12.27 14.63
C LYS B 31 0.73 13.35 13.71
N LEU B 32 0.77 13.06 12.41
CA LEU B 32 1.29 14.04 11.45
C LEU B 32 0.36 14.28 10.26
N PRO B 33 0.39 15.50 9.71
CA PRO B 33 -0.47 15.84 8.56
C PRO B 33 -0.19 15.00 7.32
N TYR B 34 -1.25 14.63 6.62
CA TYR B 34 -1.16 13.80 5.43
C TYR B 34 -0.48 12.47 5.70
N GLN B 35 -0.78 11.90 6.85
CA GLN B 35 -0.20 10.61 7.23
C GLN B 35 -0.59 9.51 6.23
N GLY B 36 -1.88 9.43 5.91
CA GLY B 36 -2.35 8.44 4.96
C GLY B 36 -1.65 8.55 3.61
N GLN B 37 -1.52 9.79 3.12
CA GLN B 37 -0.85 10.04 1.83
C GLN B 37 0.59 9.53 1.86
N LEU B 38 1.26 9.74 3.00
CA LEU B 38 2.64 9.29 3.21
C LEU B 38 2.68 7.76 3.24
N LYS B 39 1.79 7.18 4.02
CA LYS B 39 1.68 5.72 4.16
C LYS B 39 1.51 5.06 2.81
N LEU B 40 0.70 5.68 1.95
CA LEU B 40 0.43 5.16 0.61
C LEU B 40 1.63 5.25 -0.31
N LEU B 41 2.33 6.38 -0.23
CA LEU B 41 3.51 6.63 -1.04
C LEU B 41 4.59 5.56 -0.80
N LEU B 42 4.94 5.35 0.46
CA LEU B 42 5.96 4.37 0.85
C LEU B 42 5.68 2.95 0.39
N GLY B 43 4.43 2.52 0.52
CA GLY B 43 4.07 1.17 0.14
C GLY B 43 4.13 1.01 -1.37
N GLU B 44 3.63 2.03 -2.05
CA GLU B 44 3.64 2.01 -3.50
C GLU B 44 5.06 2.12 -4.06
N LEU B 45 5.87 3.02 -3.52
CA LEU B 45 7.25 3.17 -3.96
C LEU B 45 7.95 1.83 -3.82
N PHE B 46 7.79 1.25 -2.65
CA PHE B 46 8.36 -0.05 -2.30
C PHE B 46 7.96 -1.18 -3.26
N PHE B 47 6.66 -1.42 -3.41
CA PHE B 47 6.15 -2.47 -4.31
C PHE B 47 6.60 -2.22 -5.77
N LEU B 48 6.44 -0.98 -6.22
CA LEU B 48 6.81 -0.55 -7.56
C LEU B 48 8.31 -0.65 -7.83
N SER B 49 9.12 -0.68 -6.77
CA SER B 49 10.55 -0.83 -6.93
C SER B 49 10.88 -2.31 -7.05
N LYS B 50 10.08 -3.16 -6.41
CA LYS B 50 10.29 -4.61 -6.49
C LYS B 50 10.02 -4.95 -7.95
N LEU B 51 9.06 -4.23 -8.52
CA LEU B 51 8.66 -4.39 -9.92
C LEU B 51 9.75 -3.92 -10.83
N GLN B 52 10.29 -2.75 -10.55
CA GLN B 52 11.37 -2.20 -11.34
C GLN B 52 12.49 -3.24 -11.31
N ARG B 53 12.82 -3.69 -10.10
CA ARG B 53 13.87 -4.68 -9.86
C ARG B 53 13.67 -5.96 -10.71
N HIS B 54 12.43 -6.33 -10.98
CA HIS B 54 12.14 -7.52 -11.79
C HIS B 54 11.99 -7.22 -13.27
N GLY B 55 11.95 -5.94 -13.64
CA GLY B 55 11.79 -5.56 -15.02
C GLY B 55 10.35 -5.67 -15.49
N ILE B 56 9.41 -5.37 -14.60
CA ILE B 56 7.98 -5.45 -14.91
C ILE B 56 7.32 -4.07 -14.97
N LEU B 57 8.06 -3.04 -14.56
CA LEU B 57 7.55 -1.68 -14.51
C LEU B 57 7.62 -0.87 -15.81
N ASP B 58 8.66 -1.06 -16.61
CA ASP B 58 8.81 -0.30 -17.85
C ASP B 58 7.85 -0.79 -18.96
N GLY B 59 7.13 0.15 -19.55
CA GLY B 59 6.18 -0.17 -20.61
C GLY B 59 4.83 -0.59 -20.05
N ALA B 60 4.74 -0.65 -18.72
CA ALA B 60 3.51 -1.08 -18.08
C ALA B 60 2.50 0.05 -17.91
N THR B 61 1.23 -0.32 -17.73
CA THR B 61 0.22 0.69 -17.47
C THR B 61 -0.28 0.43 -16.05
N VAL B 62 -0.03 1.38 -15.16
CA VAL B 62 -0.46 1.26 -13.79
C VAL B 62 -1.90 1.74 -13.67
N VAL B 63 -2.80 0.81 -13.36
CA VAL B 63 -4.22 1.12 -13.19
C VAL B 63 -4.46 1.19 -11.70
N TYR B 64 -4.69 2.40 -11.22
CA TYR B 64 -4.94 2.66 -9.81
C TYR B 64 -6.43 2.99 -9.70
N ILE B 65 -7.20 2.03 -9.21
CA ILE B 65 -8.63 2.16 -8.99
C ILE B 65 -8.77 2.61 -7.53
N GLY B 66 -9.65 3.57 -7.27
CA GLY B 66 -9.81 4.06 -5.90
C GLY B 66 -8.57 4.90 -5.61
N SER B 67 -8.34 5.85 -6.50
CA SER B 67 -7.17 6.72 -6.47
C SER B 67 -7.30 8.17 -5.98
N ALA B 68 -8.49 8.59 -5.53
CA ALA B 68 -8.69 9.97 -5.12
C ALA B 68 -8.56 10.24 -3.61
N PRO B 69 -7.99 11.41 -3.22
CA PRO B 69 -7.47 12.50 -4.06
C PRO B 69 -6.11 12.17 -4.72
N GLY B 70 -5.42 11.15 -4.20
CA GLY B 70 -4.15 10.74 -4.76
C GLY B 70 -2.98 11.71 -4.80
N THR B 71 -2.99 12.68 -3.89
CA THR B 71 -1.96 13.70 -3.79
C THR B 71 -0.52 13.13 -3.88
N HIS B 72 -0.31 12.00 -3.22
CA HIS B 72 0.98 11.33 -3.21
C HIS B 72 1.37 10.70 -4.56
N ILE B 73 0.38 10.42 -5.41
CA ILE B 73 0.62 9.78 -6.70
C ILE B 73 1.44 10.66 -7.64
N ARG B 74 1.27 11.98 -7.57
CA ARG B 74 2.04 12.88 -8.42
C ARG B 74 3.55 12.71 -8.12
N TYR B 75 3.89 12.51 -6.86
CA TYR B 75 5.29 12.30 -6.47
C TYR B 75 5.79 10.99 -7.10
N LEU B 76 4.98 9.94 -7.02
CA LEU B 76 5.30 8.64 -7.61
C LEU B 76 5.51 8.76 -9.10
N ARG B 77 4.65 9.54 -9.74
CA ARG B 77 4.70 9.77 -11.17
C ARG B 77 6.01 10.48 -11.55
N ASP B 78 6.35 11.54 -10.84
CA ASP B 78 7.58 12.30 -11.11
C ASP B 78 8.81 11.44 -10.86
N HIS B 79 8.73 10.59 -9.84
CA HIS B 79 9.81 9.70 -9.45
C HIS B 79 10.29 8.80 -10.58
N PHE B 80 9.42 7.87 -11.01
CA PHE B 80 9.77 6.96 -12.08
C PHE B 80 9.97 7.69 -13.40
N TYR B 81 9.31 8.83 -13.56
CA TYR B 81 9.46 9.65 -14.76
C TYR B 81 10.92 10.14 -14.85
N ASN B 82 11.42 10.68 -13.74
CA ASN B 82 12.80 11.18 -13.64
C ASN B 82 13.83 10.05 -13.65
N LEU B 83 13.38 8.86 -13.28
CA LEU B 83 14.24 7.67 -13.27
C LEU B 83 14.50 7.16 -14.71
N GLY B 84 13.59 7.49 -15.61
CA GLY B 84 13.73 7.08 -17.00
C GLY B 84 12.72 6.02 -17.35
N VAL B 85 11.98 5.53 -16.36
CA VAL B 85 11.00 4.49 -16.60
C VAL B 85 9.79 4.99 -17.37
N ILE B 86 9.28 4.15 -18.27
CA ILE B 86 8.09 4.50 -19.05
C ILE B 86 6.91 3.81 -18.36
N ILE B 87 5.94 4.61 -17.92
CA ILE B 87 4.75 4.10 -17.28
C ILE B 87 3.58 4.93 -17.76
N LYS B 88 2.39 4.32 -17.79
CA LYS B 88 1.18 5.01 -18.19
C LYS B 88 0.25 4.81 -17.00
N TRP B 89 -0.22 5.91 -16.42
CA TRP B 89 -1.11 5.88 -15.27
C TRP B 89 -2.56 6.14 -15.63
N MET B 90 -3.45 5.34 -15.08
CA MET B 90 -4.86 5.50 -15.29
C MET B 90 -5.46 5.45 -13.90
N LEU B 91 -5.91 6.61 -13.46
CA LEU B 91 -6.51 6.77 -12.14
C LEU B 91 -8.02 6.84 -12.25
N ILE B 92 -8.68 5.82 -11.71
CA ILE B 92 -10.14 5.77 -11.76
C ILE B 92 -10.70 5.83 -10.34
N ASP B 93 -11.67 6.72 -10.14
CA ASP B 93 -12.33 6.91 -8.85
C ASP B 93 -13.50 7.88 -9.06
N GLY B 94 -14.56 7.72 -8.29
CA GLY B 94 -15.71 8.59 -8.40
C GLY B 94 -15.51 9.93 -7.72
N ARG B 95 -14.52 10.01 -6.82
CA ARG B 95 -14.23 11.25 -6.10
C ARG B 95 -13.17 12.03 -6.88
N HIS B 96 -13.16 13.36 -6.72
CA HIS B 96 -12.22 14.24 -7.43
C HIS B 96 -10.72 14.08 -7.06
N HIS B 97 -9.88 13.99 -8.08
CA HIS B 97 -8.44 13.84 -7.91
C HIS B 97 -7.80 15.20 -7.65
N ASP B 98 -6.67 15.19 -6.95
CA ASP B 98 -5.94 16.41 -6.65
C ASP B 98 -5.55 17.16 -7.95
N PRO B 99 -5.84 18.47 -8.01
CA PRO B 99 -5.53 19.29 -9.18
C PRO B 99 -4.11 19.16 -9.75
N ILE B 100 -3.12 18.78 -8.95
CA ILE B 100 -1.75 18.62 -9.46
C ILE B 100 -1.55 17.43 -10.43
N LEU B 101 -2.64 16.70 -10.73
CA LEU B 101 -2.61 15.57 -11.63
C LEU B 101 -3.18 15.91 -13.02
N ASN B 102 -3.71 17.13 -13.15
CA ASN B 102 -4.32 17.57 -14.39
C ASN B 102 -3.34 17.92 -15.49
N GLY B 103 -3.70 17.55 -16.72
CA GLY B 103 -2.88 17.85 -17.87
C GLY B 103 -1.59 17.10 -18.00
N LEU B 104 -1.36 16.13 -17.12
CA LEU B 104 -0.15 15.33 -17.15
C LEU B 104 -0.34 14.37 -18.31
N ARG B 105 0.47 14.56 -19.33
CA ARG B 105 0.45 13.75 -20.56
C ARG B 105 0.35 12.23 -20.35
N ASP B 106 0.98 11.73 -19.29
CA ASP B 106 1.00 10.30 -19.01
C ASP B 106 0.05 9.75 -17.93
N VAL B 107 -0.85 10.59 -17.41
CA VAL B 107 -1.82 10.12 -16.42
C VAL B 107 -3.23 10.42 -16.96
N THR B 108 -4.12 9.45 -16.80
CA THR B 108 -5.51 9.56 -17.24
C THR B 108 -6.42 9.61 -16.01
N LEU B 109 -7.04 10.76 -15.78
CA LEU B 109 -7.97 10.90 -14.66
C LEU B 109 -9.36 10.47 -15.16
N VAL B 110 -9.97 9.50 -14.51
CA VAL B 110 -11.29 9.02 -14.93
C VAL B 110 -12.22 9.09 -13.73
N THR B 111 -13.26 9.92 -13.82
CA THR B 111 -14.23 10.06 -12.73
C THR B 111 -15.33 9.02 -12.92
N ARG B 112 -15.32 7.98 -12.11
CA ARG B 112 -16.31 6.92 -12.22
C ARG B 112 -15.98 5.84 -11.21
N PHE B 113 -17.02 5.24 -10.65
CA PHE B 113 -16.85 4.17 -9.68
C PHE B 113 -16.81 2.88 -10.48
N VAL B 114 -15.74 2.12 -10.28
CA VAL B 114 -15.52 0.88 -11.01
C VAL B 114 -16.47 -0.26 -10.70
N ASP B 115 -16.75 -1.05 -11.74
CA ASP B 115 -17.60 -2.23 -11.66
C ASP B 115 -17.11 -3.20 -12.73
N GLU B 116 -17.69 -4.40 -12.73
CA GLU B 116 -17.34 -5.45 -13.68
C GLU B 116 -17.24 -5.02 -15.13
N GLU B 117 -18.31 -4.42 -15.64
CA GLU B 117 -18.34 -3.97 -17.04
C GLU B 117 -17.25 -2.96 -17.34
N TYR B 118 -17.03 -2.00 -16.44
CA TYR B 118 -16.02 -0.99 -16.69
C TYR B 118 -14.60 -1.60 -16.69
N LEU B 119 -14.46 -2.78 -16.10
CA LEU B 119 -13.18 -3.47 -16.03
C LEU B 119 -12.90 -4.04 -17.40
N ARG B 120 -13.95 -4.58 -18.02
CA ARG B 120 -13.86 -5.15 -19.35
C ARG B 120 -13.53 -4.03 -20.31
N SER B 121 -14.11 -2.87 -20.08
CA SER B 121 -13.87 -1.71 -20.93
C SER B 121 -12.44 -1.20 -20.86
N ILE B 122 -11.87 -1.07 -19.65
CA ILE B 122 -10.50 -0.61 -19.51
C ILE B 122 -9.51 -1.69 -19.97
N LYS B 123 -9.86 -2.95 -19.74
CA LYS B 123 -9.02 -4.07 -20.17
C LYS B 123 -8.92 -4.01 -21.67
N LYS B 124 -10.07 -3.79 -22.28
CA LYS B 124 -10.20 -3.69 -23.72
C LYS B 124 -9.37 -2.55 -24.26
N GLN B 125 -9.65 -1.34 -23.79
CA GLN B 125 -8.95 -0.15 -24.26
C GLN B 125 -7.48 -0.07 -23.85
N LEU B 126 -7.02 -1.08 -23.11
CA LEU B 126 -5.62 -1.10 -22.67
C LEU B 126 -4.78 -2.15 -23.39
N HIS B 127 -5.28 -3.39 -23.40
CA HIS B 127 -4.62 -4.53 -24.06
C HIS B 127 -4.08 -4.13 -25.45
N PRO B 128 -2.91 -4.66 -25.85
CA PRO B 128 -2.01 -5.59 -25.14
C PRO B 128 -1.03 -5.01 -24.11
N SER B 129 -1.35 -3.87 -23.52
CA SER B 129 -0.46 -3.27 -22.53
C SER B 129 -0.45 -4.16 -21.27
N LYS B 130 0.72 -4.28 -20.65
CA LYS B 130 0.89 -5.07 -19.43
C LYS B 130 0.36 -4.22 -18.29
N ILE B 131 -0.69 -4.70 -17.65
CA ILE B 131 -1.32 -3.98 -16.56
C ILE B 131 -0.75 -4.31 -15.18
N ILE B 132 -0.62 -3.29 -14.34
CA ILE B 132 -0.18 -3.48 -12.97
C ILE B 132 -1.35 -2.90 -12.17
N LEU B 133 -1.92 -3.73 -11.30
CA LEU B 133 -3.07 -3.31 -10.52
C LEU B 133 -2.80 -2.77 -9.12
N ILE B 134 -3.38 -1.61 -8.81
CA ILE B 134 -3.31 -1.04 -7.47
C ILE B 134 -4.76 -0.70 -7.12
N SER B 135 -5.26 -1.28 -6.03
CA SER B 135 -6.61 -1.03 -5.58
C SER B 135 -6.48 -0.30 -4.25
N ASP B 136 -7.56 0.37 -3.84
CA ASP B 136 -7.58 1.11 -2.59
C ASP B 136 -9.05 1.46 -2.34
N VAL B 137 -9.94 0.65 -2.90
CA VAL B 137 -11.36 0.89 -2.78
C VAL B 137 -11.88 0.54 -1.38
N ARG B 138 -12.77 1.38 -0.88
CA ARG B 138 -13.41 1.18 0.41
C ARG B 138 -14.76 1.89 0.39
N SER B 139 -15.82 1.10 0.49
CA SER B 139 -17.18 1.61 0.49
C SER B 139 -17.52 2.18 1.87
N PRO B 146 -17.35 1.89 7.87
CA PRO B 146 -17.19 0.71 7.02
C PRO B 146 -17.42 -0.61 7.75
N SER B 147 -18.38 -1.38 7.26
CA SER B 147 -18.74 -2.66 7.84
C SER B 147 -18.22 -3.83 7.03
N THR B 148 -18.20 -5.01 7.66
CA THR B 148 -17.73 -6.23 7.01
C THR B 148 -18.38 -6.41 5.63
N ALA B 149 -19.67 -6.09 5.52
CA ALA B 149 -20.36 -6.22 4.23
C ALA B 149 -19.60 -5.43 3.19
N ASP B 150 -19.30 -4.18 3.51
CA ASP B 150 -18.55 -3.30 2.61
C ASP B 150 -17.23 -3.89 2.22
N LEU B 151 -16.54 -4.44 3.21
CA LEU B 151 -15.25 -5.05 3.00
C LEU B 151 -15.36 -6.22 2.05
N LEU B 152 -16.25 -7.17 2.36
CA LEU B 152 -16.45 -8.35 1.54
C LEU B 152 -16.79 -7.99 0.11
N SER B 153 -17.54 -6.90 -0.03
CA SER B 153 -17.94 -6.40 -1.33
C SER B 153 -16.71 -5.89 -2.07
N ASN B 154 -15.93 -5.03 -1.41
CA ASN B 154 -14.70 -4.48 -1.98
C ASN B 154 -13.74 -5.60 -2.38
N TYR B 155 -13.72 -6.68 -1.60
CA TYR B 155 -12.87 -7.83 -1.87
C TYR B 155 -13.39 -8.66 -3.04
N ALA B 156 -14.71 -8.67 -3.23
CA ALA B 156 -15.33 -9.38 -4.34
C ALA B 156 -14.91 -8.66 -5.61
N LEU B 157 -14.85 -7.34 -5.55
CA LEU B 157 -14.42 -6.54 -6.69
C LEU B 157 -12.91 -6.71 -6.92
N GLN B 158 -12.11 -6.58 -5.87
CA GLN B 158 -10.67 -6.72 -6.02
C GLN B 158 -10.27 -8.03 -6.70
N ASN B 159 -11.03 -9.10 -6.46
CA ASN B 159 -10.73 -10.40 -7.07
C ASN B 159 -11.05 -10.42 -8.57
N VAL B 160 -12.19 -9.83 -8.93
CA VAL B 160 -12.62 -9.80 -10.32
C VAL B 160 -11.77 -8.78 -11.09
N MET B 161 -11.16 -7.85 -10.36
CA MET B 161 -10.28 -6.84 -10.95
C MET B 161 -9.11 -7.62 -11.53
N ILE B 162 -8.67 -8.63 -10.78
CA ILE B 162 -7.57 -9.52 -11.16
C ILE B 162 -7.99 -10.39 -12.33
N SER B 163 -9.19 -10.98 -12.23
CA SER B 163 -9.72 -11.87 -13.26
C SER B 163 -9.93 -11.19 -14.61
N ILE B 164 -10.50 -9.98 -14.56
CA ILE B 164 -10.79 -9.20 -15.75
C ILE B 164 -9.57 -8.47 -16.28
N LEU B 165 -8.91 -7.71 -15.41
CA LEU B 165 -7.73 -6.96 -15.81
C LEU B 165 -6.54 -7.87 -16.09
N ASN B 166 -6.50 -9.03 -15.44
CA ASN B 166 -5.42 -9.99 -15.64
C ASN B 166 -4.04 -9.29 -15.58
N PRO B 167 -3.77 -8.60 -14.46
CA PRO B 167 -2.49 -7.90 -14.32
C PRO B 167 -1.32 -8.84 -14.12
N VAL B 168 -0.12 -8.30 -14.38
CA VAL B 168 1.13 -9.04 -14.21
C VAL B 168 1.62 -8.92 -12.77
N ALA B 169 0.97 -8.06 -11.98
CA ALA B 169 1.32 -7.83 -10.57
C ALA B 169 0.20 -6.97 -9.99
N SER B 170 -0.03 -7.06 -8.68
CA SER B 170 -1.07 -6.26 -8.05
C SER B 170 -0.83 -5.98 -6.57
N SER B 171 -1.34 -4.84 -6.11
CA SER B 171 -1.24 -4.42 -4.72
C SER B 171 -2.69 -4.12 -4.30
N LEU B 172 -3.20 -4.94 -3.38
CA LEU B 172 -4.55 -4.78 -2.86
C LEU B 172 -4.55 -4.28 -1.44
N LYS B 173 -5.64 -3.61 -1.09
CA LYS B 173 -5.90 -3.08 0.24
C LYS B 173 -6.35 -4.34 0.98
N TRP B 174 -5.77 -4.61 2.14
CA TRP B 174 -6.13 -5.82 2.87
C TRP B 174 -6.31 -5.55 4.37
N ARG B 175 -7.57 -5.40 4.78
CA ARG B 175 -7.93 -5.16 6.18
C ARG B 175 -9.03 -6.15 6.54
N CYS B 176 -8.63 -7.28 7.13
CA CYS B 176 -9.57 -8.34 7.52
C CYS B 176 -10.68 -7.91 8.48
N PRO B 177 -11.92 -8.38 8.22
CA PRO B 177 -13.09 -8.05 9.05
C PRO B 177 -12.85 -8.42 10.51
N PHE B 178 -13.19 -7.50 11.41
CA PHE B 178 -13.01 -7.78 12.84
C PHE B 178 -13.91 -8.97 13.18
N PRO B 179 -13.38 -9.95 13.94
CA PRO B 179 -14.09 -11.17 14.34
C PRO B 179 -15.42 -11.04 15.08
N ASP B 180 -15.76 -9.85 15.54
CA ASP B 180 -17.03 -9.65 16.23
C ASP B 180 -18.13 -9.16 15.28
N GLN B 181 -17.74 -8.83 14.05
CA GLN B 181 -18.67 -8.39 13.01
C GLN B 181 -18.59 -9.33 11.81
N TRP B 182 -18.17 -10.58 12.04
CA TRP B 182 -18.00 -11.57 10.99
C TRP B 182 -19.34 -12.01 10.38
N ILE B 183 -19.35 -12.21 9.06
CA ILE B 183 -20.55 -12.63 8.34
C ILE B 183 -20.40 -14.04 7.82
N LYS B 184 -19.31 -14.27 7.09
CA LYS B 184 -19.03 -15.56 6.48
C LYS B 184 -17.57 -15.55 6.06
N ASP B 185 -17.08 -16.70 5.60
CA ASP B 185 -15.70 -16.84 5.13
C ASP B 185 -15.62 -16.41 3.67
N PHE B 186 -14.45 -15.95 3.24
CA PHE B 186 -14.26 -15.50 1.89
C PHE B 186 -12.86 -15.84 1.38
N TYR B 187 -12.63 -15.65 0.08
CA TYR B 187 -11.33 -15.96 -0.52
C TYR B 187 -10.61 -14.70 -1.01
N ILE B 188 -9.28 -14.72 -0.94
CA ILE B 188 -8.46 -13.58 -1.37
C ILE B 188 -7.27 -14.10 -2.14
N PRO B 189 -6.66 -13.27 -2.99
CA PRO B 189 -5.50 -13.74 -3.76
C PRO B 189 -4.40 -14.10 -2.79
N HIS B 190 -3.45 -14.93 -3.24
CA HIS B 190 -2.31 -15.33 -2.43
C HIS B 190 -1.24 -14.29 -2.72
N GLY B 191 -0.47 -13.90 -1.71
CA GLY B 191 0.58 -12.92 -1.94
C GLY B 191 1.29 -12.50 -0.68
N ASN B 192 2.27 -11.61 -0.80
CA ASN B 192 3.03 -11.16 0.36
C ASN B 192 2.24 -10.10 1.10
N LYS B 193 1.95 -10.33 2.39
CA LYS B 193 1.22 -9.35 3.18
C LYS B 193 2.15 -8.31 3.82
N MET B 194 2.39 -7.24 3.06
CA MET B 194 3.27 -6.16 3.46
C MET B 194 2.68 -5.24 4.52
N LEU B 195 3.46 -5.06 5.60
CA LEU B 195 3.07 -4.21 6.70
C LEU B 195 3.47 -2.79 6.32
N GLN B 196 2.59 -1.84 6.62
CA GLN B 196 2.86 -0.47 6.28
C GLN B 196 2.99 0.51 7.43
N PRO B 197 4.06 1.32 7.41
CA PRO B 197 4.30 2.29 8.45
C PRO B 197 3.45 3.55 8.21
N PHE B 198 3.24 4.34 9.26
CA PHE B 198 2.48 5.56 9.17
C PHE B 198 0.99 5.38 8.89
N ALA B 199 0.53 4.16 9.15
CA ALA B 199 -0.88 3.83 9.03
C ALA B 199 -1.51 4.41 10.34
N PRO B 200 -2.84 4.43 10.45
CA PRO B 200 -3.48 4.94 11.67
C PRO B 200 -2.99 4.12 12.89
N SER B 201 -2.74 4.80 14.02
CA SER B 201 -2.22 4.17 15.25
C SER B 201 -2.64 2.74 15.57
N TYR B 202 -3.89 2.39 15.27
CA TYR B 202 -4.35 1.04 15.55
C TYR B 202 -5.00 0.37 14.33
N SER B 203 -4.48 0.70 13.14
CA SER B 203 -5.02 0.15 11.90
C SER B 203 -4.62 -1.31 11.80
N ALA B 204 -5.49 -2.13 11.22
CA ALA B 204 -5.24 -3.55 11.02
C ALA B 204 -4.94 -3.78 9.54
N GLU B 205 -4.87 -2.68 8.80
CA GLU B 205 -4.62 -2.67 7.36
C GLU B 205 -3.19 -2.98 6.94
N MET B 206 -3.09 -3.91 6.01
CA MET B 206 -1.82 -4.30 5.44
C MET B 206 -2.13 -4.40 3.95
N ARG B 207 -1.10 -4.64 3.13
CA ARG B 207 -1.32 -4.74 1.69
C ARG B 207 -0.85 -6.08 1.16
N LEU B 208 -1.68 -6.65 0.30
CA LEU B 208 -1.42 -7.93 -0.31
C LEU B 208 -0.74 -7.67 -1.63
N LEU B 209 0.56 -7.90 -1.65
CA LEU B 209 1.38 -7.68 -2.85
C LEU B 209 1.54 -9.01 -3.56
N SER B 210 1.29 -9.03 -4.86
CA SER B 210 1.40 -10.27 -5.64
C SER B 210 1.92 -10.06 -7.05
N ILE B 211 2.89 -10.87 -7.47
CA ILE B 211 3.44 -10.83 -8.84
C ILE B 211 2.88 -12.08 -9.55
N TYR B 212 2.23 -11.91 -10.69
CA TYR B 212 1.68 -13.07 -11.37
C TYR B 212 2.60 -13.74 -12.36
N THR B 213 2.59 -15.08 -12.35
CA THR B 213 3.44 -15.87 -13.23
C THR B 213 3.10 -15.60 -14.70
N GLY B 214 1.86 -15.19 -14.93
CA GLY B 214 1.34 -14.89 -16.25
C GLY B 214 -0.17 -14.73 -16.09
N GLU B 215 -0.93 -15.55 -16.80
CA GLU B 215 -2.38 -15.51 -16.70
C GLU B 215 -2.75 -16.42 -15.52
N ASN B 216 -2.40 -15.99 -14.31
CA ASN B 216 -2.66 -16.78 -13.10
C ASN B 216 -3.14 -15.96 -11.92
N MET B 217 -3.20 -16.63 -10.78
CA MET B 217 -3.64 -16.05 -9.51
C MET B 217 -3.73 -17.30 -8.62
N ARG B 218 -4.52 -17.22 -7.56
CA ARG B 218 -4.74 -18.32 -6.62
C ARG B 218 -5.44 -17.69 -5.45
N LEU B 219 -6.52 -18.32 -5.00
CA LEU B 219 -7.29 -17.80 -3.89
C LEU B 219 -7.15 -18.64 -2.64
N THR B 220 -7.07 -17.96 -1.49
CA THR B 220 -6.94 -18.60 -0.17
C THR B 220 -8.14 -18.22 0.70
N ARG B 221 -8.56 -19.15 1.55
CA ARG B 221 -9.70 -18.93 2.45
C ARG B 221 -9.35 -18.16 3.71
N VAL B 222 -10.31 -17.38 4.20
CA VAL B 222 -10.16 -16.58 5.41
C VAL B 222 -11.37 -16.90 6.29
N THR B 223 -11.11 -17.39 7.50
CA THR B 223 -12.16 -17.75 8.45
C THR B 223 -12.12 -16.82 9.66
N LYS B 224 -13.14 -16.95 10.52
CA LYS B 224 -13.26 -16.15 11.73
C LYS B 224 -12.07 -16.40 12.67
N SER B 225 -11.47 -17.59 12.57
CA SER B 225 -10.30 -17.94 13.38
C SER B 225 -9.14 -17.06 12.89
N ASP B 226 -9.07 -16.88 11.57
CA ASP B 226 -8.04 -16.05 10.96
C ASP B 226 -8.29 -14.63 11.42
N ALA B 227 -9.56 -14.23 11.37
CA ALA B 227 -9.98 -12.91 11.79
C ALA B 227 -9.45 -12.57 13.19
N VAL B 228 -9.52 -13.55 14.10
CA VAL B 228 -9.06 -13.36 15.48
C VAL B 228 -7.53 -13.23 15.53
N ASN B 229 -6.83 -14.04 14.74
CA ASN B 229 -5.37 -13.99 14.71
C ASN B 229 -4.92 -12.60 14.26
N TYR B 230 -5.55 -12.07 13.22
CA TYR B 230 -5.20 -10.73 12.76
C TYR B 230 -5.34 -9.71 13.89
N GLU B 231 -6.54 -9.64 14.46
CA GLU B 231 -6.83 -8.72 15.57
C GLU B 231 -5.72 -8.84 16.62
N LYS B 232 -5.40 -10.06 17.03
CA LYS B 232 -4.36 -10.35 18.02
C LYS B 232 -2.96 -9.81 17.66
N LYS B 233 -2.46 -10.24 16.51
CA LYS B 233 -1.15 -9.84 16.01
C LYS B 233 -1.07 -8.34 15.77
N MET B 234 -2.00 -7.83 14.96
CA MET B 234 -2.03 -6.40 14.63
C MET B 234 -2.14 -5.52 15.87
N TYR B 235 -2.95 -5.93 16.85
CA TYR B 235 -3.09 -5.14 18.06
C TYR B 235 -1.73 -5.03 18.74
N TYR B 236 -1.06 -6.17 18.87
CA TYR B 236 0.24 -6.21 19.50
C TYR B 236 1.23 -5.27 18.81
N LEU B 237 1.29 -5.36 17.49
CA LEU B 237 2.19 -4.53 16.68
C LEU B 237 1.95 -3.02 16.92
N ASN B 238 0.68 -2.61 16.93
CA ASN B 238 0.32 -1.21 17.11
C ASN B 238 0.50 -0.65 18.52
N LYS B 239 0.00 -1.40 19.49
CA LYS B 239 0.09 -0.98 20.89
C LYS B 239 1.51 -1.00 21.44
N ILE B 240 2.22 -2.10 21.20
CA ILE B 240 3.58 -2.24 21.70
C ILE B 240 4.65 -1.82 20.70
N VAL B 241 5.03 -2.73 19.81
CA VAL B 241 6.08 -2.50 18.82
C VAL B 241 6.19 -1.09 18.23
N ARG B 242 5.12 -0.64 17.55
CA ARG B 242 5.10 0.68 16.94
C ARG B 242 5.23 1.81 17.95
N ASN B 243 4.78 1.59 19.18
CA ASN B 243 4.86 2.60 20.24
C ASN B 243 6.23 2.62 20.88
N LYS B 244 7.25 2.15 20.18
CA LYS B 244 8.58 2.14 20.74
C LYS B 244 9.58 3.03 20.02
N VAL B 245 10.76 3.16 20.65
CA VAL B 245 11.87 3.96 20.11
C VAL B 245 13.06 2.97 20.02
N VAL B 246 13.59 2.77 18.82
CA VAL B 246 14.70 1.86 18.60
C VAL B 246 16.04 2.58 18.84
N VAL B 247 16.65 2.30 19.98
CA VAL B 247 17.93 2.92 20.38
C VAL B 247 19.14 2.59 19.51
N ASN B 248 19.10 1.45 18.83
CA ASN B 248 20.23 1.10 17.99
C ASN B 248 20.02 1.60 16.55
N PHE B 249 19.00 2.42 16.34
CA PHE B 249 18.71 2.99 15.02
C PHE B 249 19.39 4.34 14.93
N ASP B 250 20.48 4.42 14.17
CA ASP B 250 21.19 5.69 14.01
C ASP B 250 20.47 6.51 12.96
N TYR B 251 19.64 7.44 13.43
CA TYR B 251 18.83 8.27 12.55
C TYR B 251 18.13 9.31 13.44
N PRO B 252 17.93 10.55 12.92
CA PRO B 252 17.31 11.64 13.66
C PRO B 252 16.08 11.23 14.46
N ASN B 253 15.14 10.54 13.82
CA ASN B 253 13.96 10.05 14.52
C ASN B 253 14.24 8.59 14.71
N GLN B 254 14.03 8.09 15.93
CA GLN B 254 14.27 6.68 16.22
C GLN B 254 12.99 5.89 16.51
N GLU B 255 11.84 6.45 16.16
CA GLU B 255 10.58 5.75 16.37
C GLU B 255 10.48 4.59 15.38
N TYR B 256 9.79 3.53 15.77
CA TYR B 256 9.64 2.33 14.94
C TYR B 256 9.21 2.55 13.48
N ASP B 257 8.26 3.46 13.27
CA ASP B 257 7.76 3.73 11.94
C ASP B 257 8.82 4.32 11.03
N TYR B 258 9.71 5.11 11.60
CA TYR B 258 10.82 5.69 10.83
C TYR B 258 11.85 4.60 10.58
N PHE B 259 12.00 3.72 11.56
CA PHE B 259 12.92 2.58 11.46
C PHE B 259 12.45 1.68 10.34
N HIS B 260 11.15 1.49 10.28
CA HIS B 260 10.46 0.67 9.30
C HIS B 260 10.53 1.34 7.92
N MET B 261 10.37 2.65 7.87
CA MET B 261 10.43 3.39 6.61
C MET B 261 11.84 3.44 6.02
N TYR B 262 12.84 3.31 6.87
CA TYR B 262 14.22 3.33 6.44
C TYR B 262 14.47 2.04 5.68
N PHE B 263 13.79 0.98 6.10
CA PHE B 263 13.92 -0.31 5.44
C PHE B 263 13.06 -0.36 4.16
N MET B 264 12.08 0.53 4.06
CA MET B 264 11.26 0.60 2.87
C MET B 264 11.97 1.50 1.85
N LEU B 265 12.33 2.70 2.31
CA LEU B 265 13.00 3.69 1.48
C LEU B 265 14.35 3.27 0.90
N ARG B 266 15.01 2.28 1.50
CA ARG B 266 16.31 1.83 1.00
C ARG B 266 16.22 0.85 -0.17
N THR B 267 15.00 0.47 -0.55
CA THR B 267 14.84 -0.45 -1.68
C THR B 267 14.51 0.34 -2.96
N VAL B 268 14.16 1.61 -2.80
CA VAL B 268 13.80 2.44 -3.94
C VAL B 268 15.00 3.07 -4.67
N TYR B 269 14.93 3.09 -6.00
CA TYR B 269 16.01 3.64 -6.80
C TYR B 269 15.85 5.13 -7.01
N CYS B 270 16.97 5.81 -7.20
CA CYS B 270 16.97 7.26 -7.43
C CYS B 270 17.92 7.54 -8.58
N ASN B 271 17.68 8.61 -9.34
CA ASN B 271 18.56 8.94 -10.47
C ASN B 271 19.86 9.67 -10.10
N LYS B 272 19.98 9.99 -8.81
CA LYS B 272 21.15 10.67 -8.27
C LYS B 272 21.99 9.63 -7.53
N THR B 273 23.28 9.93 -7.37
CA THR B 273 24.21 9.03 -6.68
C THR B 273 24.34 9.39 -5.21
N PHE B 274 24.36 8.36 -4.37
CA PHE B 274 24.49 8.55 -2.94
C PHE B 274 25.55 7.61 -2.38
N PRO B 275 26.44 8.15 -1.52
CA PRO B 275 27.53 7.41 -0.88
C PRO B 275 27.13 6.36 0.18
N THR B 276 25.99 6.54 0.82
CA THR B 276 25.51 5.60 1.83
C THR B 276 24.00 5.49 1.74
N THR B 277 23.48 4.42 2.35
CA THR B 277 22.04 4.16 2.42
C THR B 277 21.39 5.27 3.25
N LYS B 278 21.91 5.51 4.45
CA LYS B 278 21.36 6.55 5.31
C LYS B 278 21.31 7.87 4.57
N ALA B 279 22.32 8.12 3.72
CA ALA B 279 22.36 9.36 2.94
C ALA B 279 21.12 9.42 2.04
N LYS B 280 20.94 8.40 1.19
CA LYS B 280 19.80 8.32 0.28
C LYS B 280 18.49 8.41 1.07
N VAL B 281 18.37 7.62 2.14
CA VAL B 281 17.17 7.60 2.97
C VAL B 281 16.85 9.02 3.44
N LEU B 282 17.85 9.71 4.01
CA LEU B 282 17.65 11.09 4.48
C LEU B 282 17.11 11.96 3.33
N PHE B 283 17.68 11.80 2.13
CA PHE B 283 17.27 12.55 0.96
C PHE B 283 15.83 12.28 0.53
N LEU B 284 15.52 10.99 0.31
CA LEU B 284 14.18 10.60 -0.11
C LEU B 284 13.14 11.05 0.91
N GLN B 285 13.36 10.73 2.18
CA GLN B 285 12.43 11.14 3.23
C GLN B 285 12.23 12.66 3.18
N GLN B 286 13.31 13.40 2.93
CA GLN B 286 13.23 14.85 2.84
C GLN B 286 12.32 15.32 1.71
N SER B 287 12.59 14.87 0.49
CA SER B 287 11.79 15.27 -0.64
C SER B 287 10.31 14.89 -0.49
N ILE B 288 10.05 13.67 0.00
CA ILE B 288 8.69 13.19 0.24
C ILE B 288 7.95 14.09 1.24
N PHE B 289 8.57 14.29 2.40
CA PHE B 289 8.04 15.13 3.48
C PHE B 289 7.80 16.57 3.00
N ARG B 290 8.79 17.16 2.33
CA ARG B 290 8.62 18.53 1.83
C ARG B 290 7.50 18.62 0.79
N PHE B 291 7.45 17.66 -0.12
CA PHE B 291 6.43 17.60 -1.17
C PHE B 291 5.03 17.48 -0.59
N LEU B 292 4.92 16.65 0.45
CA LEU B 292 3.66 16.39 1.12
C LEU B 292 3.36 17.41 2.20
N ASN B 293 4.27 18.36 2.38
CA ASN B 293 4.14 19.41 3.38
C ASN B 293 4.12 18.90 4.81
N ILE B 294 4.70 17.73 5.04
CA ILE B 294 4.78 17.13 6.37
C ILE B 294 6.16 17.53 6.88
N PRO B 295 6.23 18.23 8.02
CA PRO B 295 7.50 18.68 8.61
C PRO B 295 8.36 17.61 9.29
#